data_4E0J
#
_entry.id   4E0J
#
_cell.length_a   117.560
_cell.length_b   120.080
_cell.length_c   56.760
_cell.angle_alpha   90.00
_cell.angle_beta   111.68
_cell.angle_gamma   90.00
#
_symmetry.space_group_name_H-M   'C 1 2 1'
#
loop_
_entity.id
_entity.type
_entity.pdbx_description
1 polymer Protelomerase
2 polymer "DNA (5'-D(*CP*AP*TP*AP*AP*TP*AP*AP*CP*AP*AP*TP*A)-3')"
3 polymer "DNA (5'-D(*TP*CP*AP*TP*GP*AP*TP*AP*TP*TP*GP*TP*TP*AP*TP*TP*AP*TP*G)-3')"
4 non-polymer 'SODIUM ION'
5 non-polymer 'CHLORIDE ION'
6 water water
#
loop_
_entity_poly.entity_id
_entity_poly.type
_entity_poly.pdbx_seq_one_letter_code
_entity_poly.pdbx_strand_id
1 'polypeptide(L)'
;MGSSHHHHHHSSGLVPRGSHMLAAKRKTKTPVLVERIDQFVGQIKEAMKSDDASRNRKIRDLWDAEVRYHFDNGRTEKTL
ELYIMKYRNALKAEFGPKSTPLAICNMKKLRERLNTYIARGDYPKTGVATSIVEKIERAEFNTAGRKPTVLLRIADFIAA
MNGMDAKQDMQALWDAEIAIMNGRAQTTIISYITKYRNAIREAFGDDHPMLKIATGDAAMYDEARRVKMEKIANKHGALI
TFENYRQVLKICEDCLKSSDPLMIGIGLIGMTGRAPYEVFTQAEFSPAPYGKGVSKWSILFNGQAKTKQGEGTKFGITYE
IPVLTRSETVLAAYKRLRESGQGKLWHGMSIDDFSSETRLLLRDTVFNLFEDVWPKEELPKPYGLRHLYAEVAYHNFAPP
HVTKNSYFAAILGHNNNDLETSLSYMTYTLPEDRDNALARLKRTNERTLQQMATIAPVSRKG
;
A
2 'polydeoxyribonucleotide' (DC)(DA)(DT)(DA)(DA)(DT)(DA)(DA)(DC)(DA)(DA)(DT)(DA) C
3 'polydeoxyribonucleotide' (DT)(DC)(DA)(DT)(DG)(DA)(DT)(DA)(DT)(DT)(DG)(DT)(DT)(DA)(DT)(DT)(DA)(DT)(DG) D
#
# COMPACT_ATOMS: atom_id res chain seq x y z
N TYR A 123 -20.52 -4.06 25.48
CA TYR A 123 -19.53 -4.94 26.11
C TYR A 123 -20.07 -6.35 26.27
N PRO A 124 -19.67 -7.25 25.36
CA PRO A 124 -19.91 -8.69 25.50
C PRO A 124 -18.64 -9.43 25.91
N LYS A 125 -18.79 -10.61 26.49
CA LYS A 125 -17.64 -11.43 26.88
C LYS A 125 -17.51 -12.65 25.98
N THR A 126 -18.39 -12.77 25.00
CA THR A 126 -18.38 -13.92 24.10
C THR A 126 -18.23 -13.49 22.64
N GLY A 127 -17.57 -14.34 21.85
CA GLY A 127 -17.37 -14.06 20.45
C GLY A 127 -16.22 -14.83 19.81
N VAL A 128 -16.16 -14.80 18.49
CA VAL A 128 -15.12 -15.50 17.75
C VAL A 128 -14.62 -14.65 16.58
N ALA A 129 -13.30 -14.64 16.37
CA ALA A 129 -12.71 -13.95 15.23
C ALA A 129 -12.78 -14.85 14.00
N THR A 130 -13.81 -14.64 13.19
CA THR A 130 -14.14 -15.53 12.07
C THR A 130 -13.02 -15.70 11.04
N SER A 131 -12.41 -14.60 10.62
CA SER A 131 -11.40 -14.64 9.56
C SER A 131 -10.19 -15.51 9.90
N ILE A 132 -9.69 -15.38 11.12
CA ILE A 132 -8.54 -16.17 11.58
C ILE A 132 -8.87 -17.66 11.57
N VAL A 133 -9.99 -18.01 12.19
CA VAL A 133 -10.45 -19.40 12.26
C VAL A 133 -10.61 -19.99 10.86
N GLU A 134 -11.24 -19.22 9.98
CA GLU A 134 -11.42 -19.66 8.59
C GLU A 134 -10.09 -19.85 7.90
N LYS A 135 -9.13 -18.99 8.19
CA LYS A 135 -7.79 -19.12 7.63
C LYS A 135 -7.12 -20.41 8.11
N ILE A 136 -7.34 -20.76 9.37
CA ILE A 136 -6.79 -21.99 9.94
C ILE A 136 -7.42 -23.23 9.31
N GLU A 137 -8.75 -23.30 9.37
CA GLU A 137 -9.50 -24.40 8.79
C GLU A 137 -9.20 -24.58 7.31
N ARG A 138 -8.90 -23.47 6.64
CA ARG A 138 -8.46 -23.51 5.25
C ARG A 138 -7.05 -24.04 5.17
N ALA A 139 -6.25 -23.75 6.18
CA ALA A 139 -4.85 -24.16 6.23
C ALA A 139 -4.70 -25.64 6.61
N GLU A 140 -5.80 -26.26 7.02
N GLU A 140 -5.80 -26.26 7.01
CA GLU A 140 -5.80 -27.68 7.34
CA GLU A 140 -5.78 -27.68 7.36
C GLU A 140 -5.36 -28.53 6.15
C GLU A 140 -5.55 -28.60 6.16
N PHE A 141 -5.69 -28.06 4.96
CA PHE A 141 -5.49 -28.85 3.74
C PHE A 141 -4.23 -28.43 2.96
N ASN A 142 -3.23 -27.93 3.66
CA ASN A 142 -2.03 -27.43 3.00
C ASN A 142 -1.11 -28.51 2.44
N THR A 143 -0.80 -28.39 1.15
CA THR A 143 0.13 -29.29 0.49
C THR A 143 1.56 -29.02 0.96
N ALA A 144 1.85 -27.76 1.24
CA ALA A 144 3.17 -27.35 1.73
C ALA A 144 3.08 -26.05 2.51
N GLY A 145 4.22 -25.59 3.03
CA GLY A 145 4.29 -24.31 3.71
C GLY A 145 4.36 -24.40 5.21
N ARG A 146 4.67 -23.26 5.84
CA ARG A 146 4.76 -23.15 7.30
C ARG A 146 3.45 -23.50 7.98
N LYS A 147 3.51 -23.71 9.29
CA LYS A 147 2.31 -23.85 10.10
C LYS A 147 1.83 -22.46 10.48
N PRO A 148 0.50 -22.25 10.53
CA PRO A 148 -0.04 -20.94 10.90
C PRO A 148 0.03 -20.70 12.41
N THR A 149 1.24 -20.69 12.96
CA THR A 149 1.46 -20.60 14.41
C THR A 149 0.94 -19.29 15.03
N VAL A 150 1.19 -18.17 14.37
CA VAL A 150 0.75 -16.87 14.88
C VAL A 150 -0.78 -16.80 14.92
N LEU A 151 -1.40 -17.17 13.80
CA LEU A 151 -2.85 -17.22 13.70
C LEU A 151 -3.42 -18.16 14.76
N LEU A 152 -2.73 -19.26 15.01
CA LEU A 152 -3.10 -20.20 16.06
C LEU A 152 -3.09 -19.53 17.43
N ARG A 153 -2.02 -18.80 17.72
CA ARG A 153 -1.90 -18.10 18.99
C ARG A 153 -3.00 -17.05 19.16
N ILE A 154 -3.34 -16.37 18.08
CA ILE A 154 -4.42 -15.38 18.10
C ILE A 154 -5.76 -16.05 18.39
N ALA A 155 -6.02 -17.16 17.71
CA ALA A 155 -7.24 -17.93 17.91
C ALA A 155 -7.38 -18.39 19.35
N ASP A 156 -6.29 -18.94 19.89
CA ASP A 156 -6.26 -19.41 21.28
C ASP A 156 -6.48 -18.24 22.24
N PHE A 157 -5.91 -17.09 21.91
CA PHE A 157 -6.06 -15.87 22.70
C PHE A 157 -7.53 -15.47 22.79
N ILE A 158 -8.16 -15.31 21.63
CA ILE A 158 -9.57 -14.95 21.55
C ILE A 158 -10.44 -15.98 22.28
N ALA A 159 -10.10 -17.25 22.13
CA ALA A 159 -10.84 -18.32 22.79
C ALA A 159 -10.76 -18.19 24.30
N ALA A 160 -9.57 -17.91 24.80
CA ALA A 160 -9.35 -17.76 26.24
C ALA A 160 -10.01 -16.49 26.77
N MET A 161 -10.20 -15.52 25.88
CA MET A 161 -10.86 -14.27 26.27
C MET A 161 -12.34 -14.46 26.60
N ASN A 162 -12.95 -15.52 26.06
CA ASN A 162 -14.36 -15.79 26.29
C ASN A 162 -14.70 -16.07 27.76
N GLY A 163 -15.52 -15.21 28.34
CA GLY A 163 -15.95 -15.38 29.72
C GLY A 163 -15.13 -14.58 30.70
N MET A 164 -14.05 -13.96 30.21
CA MET A 164 -13.19 -13.15 31.07
C MET A 164 -13.83 -11.81 31.42
N ASP A 165 -13.78 -11.47 32.71
CA ASP A 165 -14.35 -10.22 33.19
C ASP A 165 -13.34 -9.40 33.99
N ALA A 166 -12.45 -10.09 34.69
CA ALA A 166 -11.40 -9.42 35.47
C ALA A 166 -10.28 -8.90 34.56
N LYS A 167 -10.01 -7.60 34.63
CA LYS A 167 -8.98 -7.01 33.78
C LYS A 167 -7.58 -7.46 34.18
N GLN A 168 -7.45 -7.99 35.38
CA GLN A 168 -6.18 -8.54 35.86
C GLN A 168 -5.83 -9.77 35.04
N ASP A 169 -6.82 -10.65 34.87
CA ASP A 169 -6.65 -11.85 34.06
C ASP A 169 -6.33 -11.51 32.61
N MET A 170 -7.05 -10.54 32.06
CA MET A 170 -6.81 -10.07 30.70
C MET A 170 -5.38 -9.58 30.57
N GLN A 171 -4.94 -8.81 31.56
CA GLN A 171 -3.59 -8.29 31.60
C GLN A 171 -2.57 -9.43 31.61
N ALA A 172 -2.84 -10.46 32.40
CA ALA A 172 -1.95 -11.62 32.47
C ALA A 172 -1.85 -12.34 31.12
N LEU A 173 -3.00 -12.52 30.48
CA LEU A 173 -3.07 -13.18 29.18
C LEU A 173 -2.27 -12.42 28.13
N TRP A 174 -2.57 -11.13 27.99
CA TRP A 174 -1.85 -10.29 27.03
C TRP A 174 -0.36 -10.21 27.37
N ASP A 175 -0.04 -10.33 28.65
CA ASP A 175 1.36 -10.35 29.06
C ASP A 175 2.04 -11.64 28.60
N ALA A 176 1.29 -12.74 28.63
CA ALA A 176 1.80 -14.01 28.11
C ALA A 176 2.08 -13.87 26.63
N GLU A 177 1.10 -13.34 25.90
CA GLU A 177 1.27 -13.12 24.45
C GLU A 177 2.48 -12.22 24.14
N ILE A 178 2.62 -11.15 24.91
CA ILE A 178 3.75 -10.23 24.76
C ILE A 178 5.07 -10.96 25.01
N ALA A 179 5.09 -11.80 26.04
CA ALA A 179 6.26 -12.60 26.37
C ALA A 179 6.62 -13.53 25.22
N ILE A 180 5.60 -14.06 24.54
CA ILE A 180 5.83 -14.92 23.38
C ILE A 180 6.51 -14.19 22.23
N MET A 181 6.03 -12.99 21.92
CA MET A 181 6.55 -12.22 20.80
C MET A 181 7.97 -11.69 21.01
N ASN A 182 8.54 -11.95 22.18
CA ASN A 182 9.90 -11.53 22.49
C ASN A 182 10.90 -12.18 21.54
N GLY A 183 11.71 -11.36 20.87
CA GLY A 183 12.67 -11.86 19.92
C GLY A 183 12.43 -11.34 18.52
N ARG A 184 11.17 -11.01 18.23
CA ARG A 184 10.79 -10.46 16.93
C ARG A 184 11.27 -9.01 16.79
N ALA A 185 11.29 -8.52 15.56
CA ALA A 185 11.65 -7.13 15.30
C ALA A 185 10.54 -6.20 15.78
N GLN A 186 10.88 -4.93 15.96
CA GLN A 186 9.93 -3.94 16.48
C GLN A 186 8.72 -3.79 15.56
N THR A 187 8.98 -3.54 14.28
CA THR A 187 7.93 -3.40 13.29
C THR A 187 7.05 -4.65 13.24
N THR A 188 7.70 -5.81 13.35
CA THR A 188 7.00 -7.09 13.36
C THR A 188 6.04 -7.18 14.54
N ILE A 189 6.55 -6.88 15.74
CA ILE A 189 5.75 -6.90 16.94
C ILE A 189 4.57 -5.95 16.83
N ILE A 190 4.82 -4.76 16.28
CA ILE A 190 3.77 -3.78 16.04
C ILE A 190 2.68 -4.33 15.14
N SER A 191 3.08 -4.91 14.01
CA SER A 191 2.13 -5.52 13.08
C SER A 191 1.30 -6.63 13.74
N TYR A 192 1.98 -7.49 14.49
CA TYR A 192 1.31 -8.58 15.20
C TYR A 192 0.28 -8.04 16.18
N ILE A 193 0.65 -6.99 16.92
CA ILE A 193 -0.26 -6.32 17.82
C ILE A 193 -1.47 -5.82 17.06
N THR A 194 -1.24 -5.26 15.88
CA THR A 194 -2.35 -4.83 15.02
C THR A 194 -3.28 -6.00 14.70
N LYS A 195 -2.69 -7.15 14.37
CA LYS A 195 -3.47 -8.37 14.11
C LYS A 195 -4.33 -8.77 15.32
N TYR A 196 -3.70 -8.85 16.48
CA TYR A 196 -4.41 -9.18 17.72
C TYR A 196 -5.58 -8.23 17.95
N ARG A 197 -5.33 -6.93 17.82
CA ARG A 197 -6.37 -5.93 18.05
C ARG A 197 -7.53 -6.05 17.06
N ASN A 198 -7.21 -6.26 15.79
CA ASN A 198 -8.25 -6.49 14.80
C ASN A 198 -9.08 -7.73 15.10
N ALA A 199 -8.43 -8.78 15.60
CA ALA A 199 -9.12 -9.99 16.01
C ALA A 199 -10.08 -9.71 17.17
N ILE A 200 -9.59 -8.97 18.15
CA ILE A 200 -10.41 -8.60 19.31
C ILE A 200 -11.62 -7.80 18.87
N ARG A 201 -11.42 -6.85 17.95
CA ARG A 201 -12.51 -6.05 17.42
C ARG A 201 -13.51 -6.92 16.67
N GLU A 202 -13.01 -7.92 15.96
CA GLU A 202 -13.86 -8.80 15.16
C GLU A 202 -14.73 -9.68 16.05
N ALA A 203 -14.15 -10.15 17.15
CA ALA A 203 -14.84 -11.11 18.01
C ALA A 203 -15.73 -10.48 19.08
N PHE A 204 -15.29 -9.34 19.61
N PHE A 204 -15.34 -9.31 19.56
CA PHE A 204 -15.94 -8.76 20.78
CA PHE A 204 -16.09 -8.64 20.61
C PHE A 204 -16.46 -7.34 20.57
C PHE A 204 -16.74 -7.35 20.12
N GLY A 205 -15.96 -6.67 19.53
N GLY A 205 -15.92 -6.39 19.69
CA GLY A 205 -16.39 -5.31 19.23
CA GLY A 205 -16.46 -5.21 19.02
C GLY A 205 -15.41 -4.26 19.69
C GLY A 205 -16.19 -3.87 19.67
N ASP A 206 -15.74 -2.99 19.42
N ASP A 206 -15.04 -3.29 19.38
CA ASP A 206 -14.83 -1.88 19.69
CA ASP A 206 -14.74 -1.90 19.73
C ASP A 206 -14.85 -1.44 21.15
C ASP A 206 -14.76 -1.55 21.22
N ASP A 207 -15.87 -1.88 21.90
CA ASP A 207 -16.04 -1.45 23.29
C ASP A 207 -15.42 -2.39 24.33
N HIS A 208 -14.73 -3.43 23.88
CA HIS A 208 -14.11 -4.37 24.81
C HIS A 208 -12.89 -3.77 25.50
N PRO A 209 -12.81 -3.91 26.83
CA PRO A 209 -11.73 -3.35 27.65
C PRO A 209 -10.32 -3.90 27.34
N MET A 210 -10.25 -5.07 26.71
CA MET A 210 -8.96 -5.65 26.35
C MET A 210 -8.22 -4.77 25.35
N LEU A 211 -8.98 -3.99 24.59
CA LEU A 211 -8.41 -3.05 23.63
C LEU A 211 -7.65 -1.94 24.32
N LYS A 212 -7.89 -1.78 25.63
CA LYS A 212 -7.16 -0.82 26.45
C LYS A 212 -5.90 -1.45 27.01
N ILE A 213 -5.83 -2.77 26.93
CA ILE A 213 -4.69 -3.52 27.46
C ILE A 213 -3.80 -4.07 26.35
N ALA A 214 -4.43 -4.66 25.33
CA ALA A 214 -3.70 -5.26 24.22
C ALA A 214 -3.18 -4.20 23.25
N THR A 215 -2.15 -3.47 23.68
CA THR A 215 -1.50 -2.49 22.84
C THR A 215 -0.05 -2.34 23.26
N GLY A 216 0.73 -1.75 22.36
CA GLY A 216 2.11 -1.44 22.55
C GLY A 216 2.34 -0.32 23.52
N ASP A 217 3.48 -0.36 24.19
CA ASP A 217 3.82 0.72 25.08
C ASP A 217 4.25 1.95 24.30
N ALA A 218 4.05 3.11 24.88
CA ALA A 218 4.11 4.36 24.15
C ALA A 218 5.49 4.54 23.53
N ALA A 219 6.49 4.14 24.27
CA ALA A 219 7.88 4.27 23.85
C ALA A 219 8.16 3.50 22.56
N MET A 220 7.46 2.40 22.37
CA MET A 220 7.62 1.57 21.18
C MET A 220 7.22 2.35 19.92
N TYR A 221 6.02 2.93 19.97
CA TYR A 221 5.51 3.71 18.85
C TYR A 221 6.33 5.00 18.65
N ASP A 222 6.77 5.59 19.76
CA ASP A 222 7.65 6.76 19.70
C ASP A 222 8.93 6.43 18.93
N GLU A 223 9.57 5.33 19.30
CA GLU A 223 10.80 4.89 18.65
C GLU A 223 10.57 4.53 17.18
N ALA A 224 9.45 3.88 16.90
CA ALA A 224 9.08 3.55 15.53
C ALA A 224 9.00 4.82 14.69
N ARG A 225 8.27 5.81 15.21
CA ARG A 225 8.16 7.11 14.55
C ARG A 225 9.54 7.73 14.32
N ARG A 226 10.36 7.73 15.35
CA ARG A 226 11.71 8.29 15.29
C ARG A 226 12.52 7.66 14.16
N VAL A 227 12.50 6.33 14.11
CA VAL A 227 13.22 5.57 13.10
C VAL A 227 12.71 5.89 11.69
N LYS A 228 11.39 5.84 11.51
CA LYS A 228 10.78 6.16 10.22
C LYS A 228 11.19 7.54 9.72
N MET A 229 11.04 8.54 10.59
N MET A 229 11.03 8.54 10.59
CA MET A 229 11.39 9.91 10.23
CA MET A 229 11.40 9.91 10.26
C MET A 229 12.89 10.05 9.95
C MET A 229 12.88 10.05 9.95
N GLU A 230 13.70 9.26 10.65
CA GLU A 230 15.14 9.27 10.42
C GLU A 230 15.47 8.75 9.03
N LYS A 231 14.79 7.67 8.64
CA LYS A 231 14.95 7.10 7.32
C LYS A 231 14.56 8.10 6.24
N ILE A 232 13.37 8.69 6.39
CA ILE A 232 12.91 9.69 5.44
C ILE A 232 13.90 10.86 5.32
N ALA A 233 14.34 11.37 6.46
CA ALA A 233 15.28 12.48 6.51
C ALA A 233 16.61 12.12 5.84
N ASN A 234 17.01 10.85 5.96
CA ASN A 234 18.20 10.36 5.30
C ASN A 234 18.02 10.33 3.78
N LYS A 235 16.86 9.85 3.33
CA LYS A 235 16.59 9.81 1.90
C LYS A 235 16.54 11.21 1.29
N HIS A 236 16.01 12.16 2.04
CA HIS A 236 15.90 13.54 1.56
C HIS A 236 17.24 14.21 1.34
N GLY A 237 18.27 13.71 2.01
CA GLY A 237 19.61 14.28 1.90
C GLY A 237 20.50 13.49 0.96
N ALA A 238 19.93 12.48 0.32
CA ALA A 238 20.67 11.64 -0.62
C ALA A 238 19.74 11.03 -1.67
N LEU A 239 19.13 11.90 -2.48
CA LEU A 239 18.22 11.46 -3.52
C LEU A 239 18.93 10.61 -4.56
N ILE A 240 18.23 9.62 -5.11
CA ILE A 240 18.79 8.72 -6.10
C ILE A 240 18.50 9.21 -7.51
N THR A 241 19.54 9.35 -8.33
CA THR A 241 19.36 9.78 -9.70
C THR A 241 18.81 8.66 -10.57
N PHE A 242 17.56 8.81 -10.98
CA PHE A 242 16.89 7.83 -11.83
C PHE A 242 17.23 8.10 -13.29
N GLU A 243 18.44 7.70 -13.69
CA GLU A 243 18.98 8.00 -15.01
C GLU A 243 18.12 7.45 -16.15
N ASN A 244 17.70 6.19 -16.00
CA ASN A 244 16.99 5.49 -17.07
C ASN A 244 15.47 5.48 -16.90
N TYR A 245 14.91 6.53 -16.32
CA TYR A 245 13.48 6.55 -16.02
C TYR A 245 12.62 6.52 -17.29
N ARG A 246 13.14 7.08 -18.37
CA ARG A 246 12.44 7.07 -19.65
C ARG A 246 12.29 5.65 -20.19
N GLN A 247 13.33 4.84 -20.00
CA GLN A 247 13.28 3.45 -20.41
C GLN A 247 12.28 2.67 -19.56
N VAL A 248 12.19 3.01 -18.28
CA VAL A 248 11.24 2.37 -17.38
C VAL A 248 9.80 2.68 -17.79
N LEU A 249 9.53 3.98 -17.97
CA LEU A 249 8.22 4.43 -18.42
C LEU A 249 7.85 3.76 -19.74
N LYS A 250 8.83 3.69 -20.65
CA LYS A 250 8.66 3.00 -21.92
C LYS A 250 8.25 1.55 -21.72
N ILE A 251 8.95 0.87 -20.81
CA ILE A 251 8.66 -0.53 -20.51
C ILE A 251 7.23 -0.70 -19.98
N CYS A 252 6.81 0.20 -19.09
CA CYS A 252 5.44 0.16 -18.59
C CYS A 252 4.42 0.35 -19.72
N GLU A 253 4.67 1.34 -20.57
CA GLU A 253 3.80 1.60 -21.71
C GLU A 253 3.72 0.39 -22.63
N ASP A 254 4.81 -0.35 -22.72
CA ASP A 254 4.83 -1.59 -23.48
C ASP A 254 3.99 -2.66 -22.78
N CYS A 255 4.05 -2.66 -21.45
N CYS A 255 4.05 -2.67 -21.44
CA CYS A 255 3.29 -3.61 -20.64
CA CYS A 255 3.28 -3.62 -20.64
C CYS A 255 1.79 -3.35 -20.77
C CYS A 255 1.79 -3.35 -20.78
N LEU A 256 1.44 -2.12 -21.11
CA LEU A 256 0.03 -1.76 -21.34
C LEU A 256 -0.60 -2.58 -22.46
N LYS A 257 0.18 -2.92 -23.48
CA LYS A 257 -0.34 -3.63 -24.65
C LYS A 257 -0.22 -5.16 -24.55
N SER A 258 0.37 -5.66 -23.47
CA SER A 258 0.54 -7.10 -23.29
C SER A 258 -0.80 -7.78 -23.03
N SER A 259 -0.85 -9.09 -23.28
CA SER A 259 -2.07 -9.86 -23.05
C SER A 259 -2.07 -10.50 -21.67
N ASP A 260 -0.92 -10.44 -21.00
CA ASP A 260 -0.80 -10.94 -19.64
C ASP A 260 -1.29 -9.87 -18.67
N PRO A 261 -2.40 -10.15 -17.97
CA PRO A 261 -3.05 -9.20 -17.05
C PRO A 261 -2.10 -8.60 -16.02
N LEU A 262 -1.16 -9.42 -15.55
CA LEU A 262 -0.15 -8.97 -14.60
C LEU A 262 0.69 -7.85 -15.20
N MET A 263 1.14 -8.06 -16.43
CA MET A 263 1.92 -7.06 -17.15
C MET A 263 1.15 -5.76 -17.31
N ILE A 264 -0.09 -5.86 -17.78
CA ILE A 264 -0.96 -4.69 -17.91
C ILE A 264 -1.07 -3.95 -16.59
N GLY A 265 -1.19 -4.72 -15.51
CA GLY A 265 -1.26 -4.16 -14.17
C GLY A 265 -0.01 -3.36 -13.81
N ILE A 266 1.16 -3.95 -14.05
CA ILE A 266 2.43 -3.29 -13.80
C ILE A 266 2.53 -1.99 -14.58
N GLY A 267 2.20 -2.07 -15.87
CA GLY A 267 2.18 -0.90 -16.73
C GLY A 267 1.26 0.18 -16.19
N LEU A 268 0.16 -0.24 -15.58
CA LEU A 268 -0.79 0.70 -14.99
C LEU A 268 -0.27 1.31 -13.70
N ILE A 269 0.56 0.55 -12.97
CA ILE A 269 1.23 1.09 -11.79
C ILE A 269 2.21 2.16 -12.24
N GLY A 270 2.89 1.90 -13.35
CA GLY A 270 3.86 2.84 -13.88
C GLY A 270 3.23 4.09 -14.47
N MET A 271 2.07 3.93 -15.10
CA MET A 271 1.46 5.02 -15.86
C MET A 271 0.44 5.85 -15.07
N THR A 272 -0.32 5.19 -14.21
CA THR A 272 -1.34 5.88 -13.41
C THR A 272 -0.82 6.19 -12.02
N GLY A 273 0.25 5.51 -11.61
CA GLY A 273 0.86 5.73 -10.32
C GLY A 273 0.02 5.23 -9.17
N ARG A 274 -0.93 4.36 -9.48
CA ARG A 274 -1.80 3.80 -8.45
C ARG A 274 -1.14 2.59 -7.79
N ALA A 275 -1.43 2.40 -6.50
CA ALA A 275 -0.88 1.28 -5.74
C ALA A 275 -1.31 -0.05 -6.38
N PRO A 276 -0.45 -1.07 -6.28
CA PRO A 276 -0.73 -2.41 -6.81
C PRO A 276 -2.10 -2.95 -6.41
N TYR A 277 -2.43 -2.86 -5.12
CA TYR A 277 -3.73 -3.31 -4.64
C TYR A 277 -4.86 -2.56 -5.34
N GLU A 278 -4.69 -1.25 -5.48
CA GLU A 278 -5.69 -0.43 -6.15
C GLU A 278 -5.85 -0.85 -7.61
N VAL A 279 -4.73 -0.92 -8.33
CA VAL A 279 -4.73 -1.30 -9.74
C VAL A 279 -5.38 -2.66 -9.98
N PHE A 280 -4.98 -3.66 -9.21
CA PHE A 280 -5.43 -5.03 -9.44
C PHE A 280 -6.81 -5.34 -8.88
N THR A 281 -7.22 -4.66 -7.81
CA THR A 281 -8.42 -5.10 -7.08
C THR A 281 -9.63 -4.15 -7.08
N GLN A 282 -9.41 -2.85 -7.15
CA GLN A 282 -10.52 -1.93 -6.90
C GLN A 282 -10.50 -0.57 -7.63
N ALA A 283 -9.56 -0.39 -8.56
CA ALA A 283 -9.47 0.88 -9.27
C ALA A 283 -10.64 1.10 -10.23
N GLU A 284 -11.11 2.34 -10.29
CA GLU A 284 -12.14 2.74 -11.24
C GLU A 284 -11.63 3.90 -12.07
N PHE A 285 -11.19 3.61 -13.28
CA PHE A 285 -10.68 4.63 -14.20
C PHE A 285 -11.77 5.06 -15.18
N SER A 286 -11.84 6.36 -15.45
CA SER A 286 -12.82 6.91 -16.37
C SER A 286 -12.26 8.13 -17.08
N PRO A 287 -12.82 8.48 -18.25
CA PRO A 287 -12.36 9.68 -18.97
C PRO A 287 -12.52 10.96 -18.16
N ALA A 288 -11.52 11.82 -18.22
CA ALA A 288 -11.57 13.12 -17.54
C ALA A 288 -11.97 14.21 -18.53
N PRO A 289 -13.07 14.91 -18.25
CA PRO A 289 -13.56 15.97 -19.16
C PRO A 289 -12.65 17.20 -19.18
N TYR A 290 -12.18 17.56 -20.37
CA TYR A 290 -11.40 18.77 -20.56
C TYR A 290 -12.23 19.79 -21.34
N GLY A 291 -12.90 20.67 -20.62
CA GLY A 291 -13.81 21.60 -21.24
C GLY A 291 -14.97 20.86 -21.88
N LYS A 292 -15.09 20.96 -23.19
CA LYS A 292 -16.08 20.18 -23.93
C LYS A 292 -15.41 19.07 -24.71
N GLY A 293 -14.74 18.17 -23.99
CA GLY A 293 -14.03 17.06 -24.59
C GLY A 293 -13.43 16.15 -23.55
N VAL A 294 -12.47 15.34 -23.96
CA VAL A 294 -11.79 14.41 -23.05
C VAL A 294 -10.32 14.75 -22.91
N SER A 295 -9.86 14.86 -21.66
CA SER A 295 -8.46 15.18 -21.38
C SER A 295 -7.53 14.08 -21.87
N LYS A 296 -6.42 14.48 -22.48
CA LYS A 296 -5.46 13.52 -23.03
C LYS A 296 -4.49 13.01 -21.97
N TRP A 297 -4.11 13.89 -21.03
CA TRP A 297 -3.06 13.56 -20.07
C TRP A 297 -3.56 13.39 -18.64
N SER A 298 -4.85 13.10 -18.49
CA SER A 298 -5.41 12.86 -17.15
C SER A 298 -6.69 12.04 -17.20
N ILE A 299 -6.92 11.26 -16.15
CA ILE A 299 -8.13 10.46 -16.03
C ILE A 299 -8.74 10.63 -14.65
N LEU A 300 -9.97 10.15 -14.49
CA LEU A 300 -10.62 10.14 -13.18
C LEU A 300 -10.44 8.79 -12.53
N PHE A 301 -10.08 8.79 -11.25
CA PHE A 301 -9.80 7.56 -10.52
C PHE A 301 -10.67 7.44 -9.26
N ASN A 302 -11.12 6.24 -8.98
CA ASN A 302 -11.84 5.96 -7.74
C ASN A 302 -11.38 4.66 -7.09
N GLY A 303 -11.46 4.58 -5.76
CA GLY A 303 -11.05 3.38 -5.05
C GLY A 303 -9.73 3.55 -4.34
N GLN A 304 -9.55 4.69 -3.69
CA GLN A 304 -8.34 4.98 -2.92
C GLN A 304 -8.22 4.00 -1.75
N ALA A 305 -7.01 3.52 -1.52
CA ALA A 305 -6.76 2.56 -0.45
C ALA A 305 -6.12 3.21 0.78
N LYS A 306 -6.12 2.47 1.88
CA LYS A 306 -5.47 2.90 3.14
C LYS A 306 -6.09 4.14 3.78
N THR A 307 -7.26 4.56 3.30
CA THR A 307 -7.91 5.75 3.82
C THR A 307 -8.36 5.56 5.26
N LYS A 308 -8.59 4.30 5.65
CA LYS A 308 -9.17 3.97 6.94
C LYS A 308 -10.53 4.67 7.13
N GLN A 309 -11.16 4.99 6.01
CA GLN A 309 -12.46 5.66 5.98
C GLN A 309 -12.50 6.96 6.78
N GLY A 310 -11.38 7.68 6.81
CA GLY A 310 -11.33 8.99 7.42
C GLY A 310 -12.18 9.98 6.64
N GLU A 311 -12.82 10.90 7.35
CA GLU A 311 -13.77 11.82 6.71
C GLU A 311 -13.06 12.90 5.87
N GLY A 312 -11.75 13.03 6.04
CA GLY A 312 -10.98 13.99 5.26
C GLY A 312 -10.21 13.33 4.14
N THR A 313 -10.45 12.03 3.95
CA THR A 313 -9.70 11.24 2.99
C THR A 313 -10.44 11.12 1.65
N LYS A 314 -9.82 10.39 0.72
CA LYS A 314 -10.41 10.20 -0.60
C LYS A 314 -11.21 8.90 -0.68
N PHE A 315 -11.61 8.39 0.47
CA PHE A 315 -12.43 7.18 0.53
C PHE A 315 -13.77 7.40 -0.17
N GLY A 316 -14.00 6.64 -1.24
CA GLY A 316 -15.22 6.75 -2.01
C GLY A 316 -15.29 8.04 -2.82
N ILE A 317 -14.14 8.69 -2.98
CA ILE A 317 -14.08 9.93 -3.74
C ILE A 317 -13.43 9.71 -5.10
N THR A 318 -14.10 10.20 -6.14
CA THR A 318 -13.53 10.16 -7.48
C THR A 318 -12.83 11.48 -7.79
N TYR A 319 -11.51 11.43 -7.90
CA TYR A 319 -10.73 12.62 -8.19
C TYR A 319 -9.85 12.46 -9.42
N GLU A 320 -9.39 13.57 -9.97
CA GLU A 320 -8.63 13.57 -11.22
C GLU A 320 -7.13 13.42 -10.98
N ILE A 321 -6.52 12.50 -11.73
CA ILE A 321 -5.10 12.24 -11.64
C ILE A 321 -4.45 12.34 -13.02
N PRO A 322 -3.17 12.75 -13.07
CA PRO A 322 -2.44 12.78 -14.33
C PRO A 322 -1.95 11.39 -14.73
N VAL A 323 -1.77 11.17 -16.03
CA VAL A 323 -1.23 9.92 -16.53
C VAL A 323 -0.01 10.19 -17.40
N LEU A 324 0.94 9.26 -17.39
CA LEU A 324 2.22 9.49 -18.06
C LEU A 324 2.22 9.02 -19.51
N THR A 325 1.07 8.55 -19.97
CA THR A 325 0.86 8.26 -21.39
C THR A 325 -0.56 8.66 -21.76
N ARG A 326 -0.89 8.60 -23.05
CA ARG A 326 -2.20 8.97 -23.54
C ARG A 326 -3.32 8.23 -22.79
N SER A 327 -4.37 8.95 -22.43
CA SER A 327 -5.45 8.40 -21.61
C SER A 327 -6.18 7.24 -22.28
N GLU A 328 -6.31 7.30 -23.61
CA GLU A 328 -6.95 6.23 -24.38
C GLU A 328 -6.29 4.88 -24.10
N THR A 329 -4.96 4.85 -24.19
CA THR A 329 -4.19 3.63 -23.96
C THR A 329 -4.43 3.08 -22.57
N VAL A 330 -4.38 3.95 -21.57
CA VAL A 330 -4.61 3.57 -20.18
C VAL A 330 -5.98 2.96 -19.97
N LEU A 331 -7.01 3.68 -20.40
CA LEU A 331 -8.39 3.22 -20.24
C LEU A 331 -8.62 1.89 -20.94
N ALA A 332 -8.16 1.79 -22.19
CA ALA A 332 -8.29 0.57 -22.96
C ALA A 332 -7.62 -0.61 -22.26
N ALA A 333 -6.38 -0.38 -21.81
CA ALA A 333 -5.61 -1.40 -21.12
C ALA A 333 -6.31 -1.87 -19.85
N TYR A 334 -6.89 -0.93 -19.11
CA TYR A 334 -7.60 -1.29 -17.89
C TYR A 334 -8.87 -2.08 -18.22
N LYS A 335 -9.49 -1.76 -19.34
CA LYS A 335 -10.65 -2.53 -19.80
C LYS A 335 -10.25 -3.96 -20.13
N ARG A 336 -9.09 -4.10 -20.78
CA ARG A 336 -8.56 -5.43 -21.09
C ARG A 336 -8.19 -6.20 -19.83
N LEU A 337 -7.76 -5.47 -18.80
CA LEU A 337 -7.41 -6.11 -17.53
C LEU A 337 -8.64 -6.59 -16.78
N ARG A 338 -9.65 -5.73 -16.68
CA ARG A 338 -10.86 -6.05 -15.94
C ARG A 338 -11.65 -7.21 -16.54
N GLU A 339 -11.73 -7.24 -17.86
CA GLU A 339 -12.51 -8.26 -18.55
C GLU A 339 -11.77 -9.60 -18.63
N SER A 340 -10.52 -9.61 -18.22
CA SER A 340 -9.74 -10.84 -18.20
C SER A 340 -10.23 -11.79 -17.11
N GLY A 341 -9.82 -13.05 -17.20
CA GLY A 341 -10.20 -14.05 -16.21
C GLY A 341 -9.56 -13.76 -14.86
N GLN A 342 -8.25 -13.62 -14.87
CA GLN A 342 -7.50 -13.27 -13.66
C GLN A 342 -7.92 -11.88 -13.17
N GLY A 343 -8.40 -11.06 -14.11
CA GLY A 343 -8.90 -9.74 -13.77
C GLY A 343 -10.20 -9.82 -13.00
N LYS A 344 -11.04 -10.78 -13.36
CA LYS A 344 -12.30 -11.00 -12.66
C LYS A 344 -12.09 -11.76 -11.36
N LEU A 345 -10.99 -12.51 -11.28
CA LEU A 345 -10.61 -13.18 -10.05
C LEU A 345 -10.09 -12.17 -9.03
N TRP A 346 -9.28 -11.23 -9.52
CA TRP A 346 -8.66 -10.21 -8.68
C TRP A 346 -9.66 -9.20 -8.12
N HIS A 347 -10.64 -8.83 -8.94
CA HIS A 347 -11.55 -7.74 -8.61
C HIS A 347 -12.35 -7.98 -7.34
N GLY A 348 -12.14 -7.12 -6.34
CA GLY A 348 -12.86 -7.19 -5.10
C GLY A 348 -12.13 -7.96 -4.00
N MET A 349 -10.94 -8.46 -4.33
CA MET A 349 -10.15 -9.24 -3.37
C MET A 349 -9.80 -8.45 -2.12
N SER A 350 -9.75 -9.15 -0.98
CA SER A 350 -9.22 -8.56 0.24
C SER A 350 -7.71 -8.42 0.08
N ILE A 351 -7.08 -7.68 0.98
CA ILE A 351 -5.65 -7.45 0.89
C ILE A 351 -4.85 -8.74 1.11
N ASP A 352 -5.37 -9.60 2.00
CA ASP A 352 -4.73 -10.89 2.25
C ASP A 352 -4.82 -11.81 1.05
N ASP A 353 -6.01 -11.90 0.46
CA ASP A 353 -6.22 -12.70 -0.74
C ASP A 353 -5.28 -12.27 -1.86
N PHE A 354 -5.25 -10.97 -2.12
CA PHE A 354 -4.39 -10.41 -3.16
C PHE A 354 -2.91 -10.67 -2.88
N SER A 355 -2.50 -10.44 -1.64
CA SER A 355 -1.12 -10.68 -1.25
C SER A 355 -0.72 -12.12 -1.51
N SER A 356 -1.44 -13.05 -0.89
CA SER A 356 -1.16 -14.48 -1.02
C SER A 356 -1.24 -14.97 -2.47
N GLU A 357 -2.08 -14.32 -3.27
CA GLU A 357 -2.29 -14.75 -4.65
C GLU A 357 -1.23 -14.23 -5.62
N THR A 358 -0.77 -13.00 -5.40
CA THR A 358 -0.02 -12.29 -6.43
C THR A 358 1.33 -11.71 -6.00
N ARG A 359 1.47 -11.35 -4.71
CA ARG A 359 2.63 -10.58 -4.23
C ARG A 359 4.00 -11.03 -4.76
N LEU A 360 4.31 -12.31 -4.57
CA LEU A 360 5.62 -12.84 -4.97
C LEU A 360 5.82 -12.88 -6.49
N LEU A 361 4.76 -13.22 -7.22
CA LEU A 361 4.81 -13.26 -8.68
C LEU A 361 5.04 -11.86 -9.25
N LEU A 362 4.28 -10.90 -8.75
CA LEU A 362 4.43 -9.51 -9.13
C LEU A 362 5.83 -9.01 -8.80
N ARG A 363 6.32 -9.40 -7.63
CA ARG A 363 7.67 -9.05 -7.17
C ARG A 363 8.73 -9.54 -8.15
N ASP A 364 8.67 -10.83 -8.46
CA ASP A 364 9.63 -11.47 -9.37
C ASP A 364 9.57 -10.84 -10.75
N THR A 365 8.36 -10.68 -11.28
CA THR A 365 8.16 -10.09 -12.59
C THR A 365 8.73 -8.67 -12.67
N VAL A 366 8.49 -7.88 -11.62
CA VAL A 366 9.00 -6.52 -11.55
C VAL A 366 10.53 -6.50 -11.49
N PHE A 367 11.09 -7.42 -10.70
N PHE A 367 11.11 -7.42 -10.72
CA PHE A 367 12.54 -7.58 -10.61
CA PHE A 367 12.57 -7.47 -10.65
C PHE A 367 13.13 -7.84 -11.99
C PHE A 367 13.19 -7.88 -11.99
N ASN A 368 12.50 -8.76 -12.72
CA ASN A 368 13.00 -9.18 -14.02
C ASN A 368 12.83 -8.14 -15.13
N LEU A 369 11.73 -7.40 -15.09
CA LEU A 369 11.45 -6.39 -16.11
C LEU A 369 12.45 -5.24 -16.11
N PHE A 370 12.72 -4.70 -14.92
CA PHE A 370 13.56 -3.50 -14.80
C PHE A 370 14.93 -3.80 -14.20
N GLU A 371 15.40 -5.02 -14.35
CA GLU A 371 16.67 -5.43 -13.75
C GLU A 371 17.87 -4.59 -14.20
N ASP A 372 17.94 -4.30 -15.50
CA ASP A 372 19.12 -3.66 -16.07
C ASP A 372 18.99 -2.16 -16.26
N VAL A 373 17.81 -1.61 -16.00
CA VAL A 373 17.57 -0.17 -16.20
C VAL A 373 17.35 0.59 -14.90
N TRP A 374 16.92 -0.11 -13.86
CA TRP A 374 16.68 0.51 -12.56
C TRP A 374 18.00 0.97 -11.96
N PRO A 375 17.99 2.12 -11.28
CA PRO A 375 19.19 2.65 -10.60
C PRO A 375 19.78 1.62 -9.65
N LYS A 376 21.10 1.48 -9.69
CA LYS A 376 21.78 0.41 -8.96
C LYS A 376 21.93 0.66 -7.47
N GLU A 377 21.34 1.74 -6.98
CA GLU A 377 21.34 2.02 -5.54
C GLU A 377 20.30 1.17 -4.83
N GLU A 378 19.38 0.59 -5.60
CA GLU A 378 18.31 -0.21 -5.03
C GLU A 378 17.75 -1.23 -6.02
N LEU A 379 17.07 -2.24 -5.50
CA LEU A 379 16.39 -3.23 -6.34
C LEU A 379 15.03 -2.68 -6.78
N PRO A 380 14.63 -2.99 -8.02
CA PRO A 380 13.35 -2.54 -8.55
C PRO A 380 12.15 -3.18 -7.87
N LYS A 381 11.43 -2.39 -7.07
CA LYS A 381 10.22 -2.85 -6.41
C LYS A 381 9.02 -2.11 -6.99
N PRO A 382 7.86 -2.79 -7.07
CA PRO A 382 6.62 -2.22 -7.63
C PRO A 382 6.27 -0.82 -7.14
N TYR A 383 6.27 -0.60 -5.82
CA TYR A 383 5.85 0.69 -5.27
C TYR A 383 6.76 1.84 -5.71
N GLY A 384 7.98 1.50 -6.11
CA GLY A 384 8.91 2.47 -6.67
C GLY A 384 8.28 3.17 -7.85
N LEU A 385 7.58 2.41 -8.69
CA LEU A 385 6.88 2.95 -9.84
C LEU A 385 5.91 4.06 -9.45
N ARG A 386 5.36 3.97 -8.25
CA ARG A 386 4.49 5.02 -7.73
C ARG A 386 5.36 6.24 -7.47
N HIS A 387 6.40 6.07 -6.65
CA HIS A 387 7.32 7.15 -6.32
C HIS A 387 7.73 7.90 -7.59
N LEU A 388 8.44 7.20 -8.47
CA LEU A 388 8.85 7.73 -9.76
C LEU A 388 7.72 8.50 -10.44
N TYR A 389 6.54 7.87 -10.52
CA TYR A 389 5.36 8.48 -11.12
C TYR A 389 5.23 9.91 -10.64
N ALA A 390 5.07 10.04 -9.32
CA ALA A 390 4.90 11.33 -8.67
C ALA A 390 5.92 12.30 -9.25
N GLU A 391 7.19 11.93 -9.10
CA GLU A 391 8.29 12.76 -9.57
C GLU A 391 8.02 13.22 -10.99
N VAL A 392 7.88 12.26 -11.89
CA VAL A 392 7.72 12.55 -13.30
C VAL A 392 6.53 13.47 -13.49
N ALA A 393 5.43 13.13 -12.81
CA ALA A 393 4.20 13.90 -12.91
C ALA A 393 4.50 15.35 -12.55
N TYR A 394 5.15 15.53 -11.40
CA TYR A 394 5.47 16.87 -10.92
C TYR A 394 6.36 17.59 -11.93
N HIS A 395 7.22 16.85 -12.60
CA HIS A 395 8.15 17.44 -13.55
C HIS A 395 7.43 17.95 -14.78
N ASN A 396 6.27 17.35 -15.08
CA ASN A 396 5.61 17.64 -16.35
C ASN A 396 4.31 18.44 -16.26
N PHE A 397 3.58 18.32 -15.16
CA PHE A 397 2.22 18.84 -15.11
C PHE A 397 1.94 19.87 -14.00
N ALA A 398 2.82 19.95 -13.01
CA ALA A 398 2.57 20.82 -11.86
C ALA A 398 2.51 22.31 -12.21
N PRO A 399 1.40 22.97 -11.86
CA PRO A 399 1.23 24.42 -12.03
C PRO A 399 2.22 25.17 -11.13
N PRO A 400 2.54 26.42 -11.47
CA PRO A 400 3.60 27.15 -10.75
C PRO A 400 3.19 27.62 -9.36
N HIS A 401 1.89 27.60 -9.05
CA HIS A 401 1.41 28.16 -7.79
C HIS A 401 1.28 27.11 -6.67
N VAL A 402 1.81 25.91 -6.92
CA VAL A 402 1.74 24.85 -5.90
C VAL A 402 3.12 24.29 -5.55
N THR A 403 3.23 23.75 -4.35
N THR A 403 3.25 23.76 -4.35
CA THR A 403 4.47 23.19 -3.83
CA THR A 403 4.50 23.17 -3.91
C THR A 403 4.55 21.68 -4.13
C THR A 403 4.57 21.72 -4.34
N LYS A 404 5.77 21.17 -4.31
CA LYS A 404 6.00 19.74 -4.61
C LYS A 404 5.27 18.84 -3.63
N ASN A 405 5.28 19.24 -2.35
CA ASN A 405 4.53 18.55 -1.31
C ASN A 405 3.04 18.55 -1.61
N SER A 406 2.51 19.72 -1.96
CA SER A 406 1.09 19.87 -2.22
C SER A 406 0.67 19.08 -3.46
N TYR A 407 1.51 19.11 -4.50
CA TYR A 407 1.20 18.41 -5.73
C TYR A 407 1.24 16.90 -5.53
N PHE A 408 2.26 16.44 -4.80
CA PHE A 408 2.34 15.02 -4.45
C PHE A 408 1.10 14.61 -3.68
N ALA A 409 0.77 15.39 -2.66
CA ALA A 409 -0.40 15.14 -1.81
C ALA A 409 -1.69 15.10 -2.64
N ALA A 410 -1.73 15.90 -3.69
CA ALA A 410 -2.92 15.99 -4.55
C ALA A 410 -3.05 14.78 -5.46
N ILE A 411 -1.97 14.47 -6.18
CA ILE A 411 -2.02 13.39 -7.17
C ILE A 411 -1.96 12.00 -6.55
N LEU A 412 -1.53 11.92 -5.28
CA LEU A 412 -1.48 10.63 -4.59
C LEU A 412 -2.72 10.39 -3.74
N GLY A 413 -3.56 11.42 -3.62
CA GLY A 413 -4.84 11.30 -2.94
C GLY A 413 -4.74 11.16 -1.43
N HIS A 414 -3.96 12.04 -0.80
CA HIS A 414 -3.74 11.97 0.63
C HIS A 414 -4.80 12.72 1.43
N ASN A 415 -4.79 12.50 2.75
CA ASN A 415 -5.75 13.11 3.66
C ASN A 415 -5.76 14.64 3.57
N ASN A 416 -6.91 15.23 3.82
CA ASN A 416 -7.07 16.68 3.72
C ASN A 416 -6.08 17.42 4.61
N ASN A 417 -5.45 18.44 4.05
CA ASN A 417 -4.48 19.29 4.77
C ASN A 417 -3.19 18.61 5.20
N ASP A 418 -2.93 17.41 4.66
CA ASP A 418 -1.69 16.70 4.98
C ASP A 418 -0.62 16.94 3.92
N LEU A 419 0.59 17.22 4.38
CA LEU A 419 1.73 17.43 3.49
C LEU A 419 2.89 16.57 3.96
N GLU A 420 2.73 15.94 5.12
N GLU A 420 2.71 15.92 5.11
CA GLU A 420 3.79 15.15 5.73
CA GLU A 420 3.78 15.15 5.74
C GLU A 420 3.99 13.79 5.07
C GLU A 420 3.98 13.77 5.13
N THR A 421 2.90 13.19 4.60
CA THR A 421 2.98 11.89 3.94
C THR A 421 3.80 11.98 2.65
N SER A 422 3.64 13.11 1.95
CA SER A 422 4.35 13.36 0.69
C SER A 422 5.86 13.20 0.84
N LEU A 423 6.37 13.52 2.03
CA LEU A 423 7.79 13.39 2.34
C LEU A 423 8.31 11.98 2.04
N SER A 424 7.45 10.98 2.22
CA SER A 424 7.87 9.59 2.02
C SER A 424 8.10 9.25 0.54
N TYR A 425 7.56 10.09 -0.35
CA TYR A 425 7.60 9.79 -1.79
C TYR A 425 8.73 10.49 -2.54
N MET A 426 9.34 11.49 -1.90
CA MET A 426 10.49 12.13 -2.50
C MET A 426 11.72 11.26 -2.32
N THR A 427 12.02 10.49 -3.35
CA THR A 427 13.03 9.43 -3.29
C THR A 427 14.06 9.58 -4.41
N TYR A 428 13.58 9.93 -5.60
CA TYR A 428 14.45 10.03 -6.77
C TYR A 428 14.67 11.48 -7.20
N THR A 429 15.70 11.68 -8.02
CA THR A 429 15.87 12.93 -8.73
C THR A 429 16.08 12.64 -10.22
N LEU A 430 15.38 13.38 -11.07
CA LEU A 430 15.47 13.15 -12.51
C LEU A 430 16.79 13.67 -13.07
N PRO A 431 17.35 12.95 -14.06
CA PRO A 431 18.67 13.27 -14.62
C PRO A 431 18.78 14.69 -15.19
N GLU A 432 17.68 15.20 -15.74
CA GLU A 432 17.68 16.57 -16.26
C GLU A 432 17.78 17.59 -15.13
N ASP A 433 16.99 17.39 -14.07
CA ASP A 433 17.05 18.24 -12.90
C ASP A 433 18.45 18.23 -12.31
N ARG A 434 19.05 17.04 -12.24
CA ARG A 434 20.42 16.88 -11.79
C ARG A 434 21.36 17.69 -12.68
N ASP A 435 21.12 17.64 -13.99
CA ASP A 435 21.95 18.34 -14.96
C ASP A 435 21.92 19.85 -14.78
N ASN A 436 20.72 20.44 -14.79
CA ASN A 436 20.61 21.88 -14.71
C ASN A 436 20.74 22.44 -13.28
N ALA A 437 20.75 21.55 -12.29
CA ALA A 437 21.11 21.96 -10.94
C ALA A 437 22.64 22.04 -10.86
N LEU A 438 23.29 21.45 -11.85
CA LEU A 438 24.74 21.55 -11.99
C LEU A 438 25.11 22.58 -13.04
N ALA A 439 24.10 23.03 -13.78
CA ALA A 439 24.28 24.16 -14.68
C ALA A 439 24.33 25.42 -13.83
N ARG A 440 23.35 25.53 -12.93
CA ARG A 440 23.35 26.58 -11.92
C ARG A 440 24.35 26.19 -10.82
N LEU A 441 25.56 26.74 -10.94
CA LEU A 441 26.68 26.47 -10.05
C LEU A 441 27.89 27.25 -10.53
#